data_1W04
#
_entry.id   1W04
#
_cell.length_a   46.652
_cell.length_b   70.752
_cell.length_c   100.973
_cell.angle_alpha   90.00
_cell.angle_beta   90.00
_cell.angle_gamma   90.00
#
_symmetry.space_group_name_H-M   'P 21 21 21'
#
loop_
_entity.id
_entity.type
_entity.pdbx_description
1 polymer 'ISOPENICILLIN N SYNTHETASE'
2 non-polymer DELTA-(L-ALPHA-AMINOADIPOYL)-L-CYSTEINYL-GLYCINE
3 non-polymer 'FE (II) ION'
4 non-polymer HYDROXYAMINE
5 non-polymer 'SULFATE ION'
6 water water
#
_entity_poly.entity_id   1
_entity_poly.type   'polypeptide(L)'
_entity_poly.pdbx_seq_one_letter_code
;MGSVSKANVPKIDVSPLFGDDQAAKMRVAQQIDAASRDTGFFYAVNHGINVQRLSQKTKEFHMSITPEEKWDLAIRAYNK
EHQDQVRAGYYLSIPGKKAVESFCYLNPNFTPDHPRIQAKTPTHEVNVWPDETKHPGFQDFAEQYYWDVFGLSSALLKGY
ALALGKEENFFARHFKPDDTLASVVLIRYPYLDPYPEAAIKTAADGTKLSFEWHEDVSLITVLYQSNVQNLQVETAAGYQ
DIEADDTGYLINCGSYMAHLTNNYYKAPIHRVKWVNAERQSLPFFVNLGYDSVIDPFDPREPNGKSDREPLSYGDYLQNG
LVSLINKNGQT
;
_entity_poly.pdbx_strand_id   A
#
# COMPACT_ATOMS: atom_id res chain seq x y z
N SER A 3 23.06 15.52 6.38
CA SER A 3 22.48 15.97 7.68
C SER A 3 21.14 15.29 7.98
N VAL A 4 20.68 14.33 7.13
CA VAL A 4 19.32 13.70 7.28
C VAL A 4 19.31 12.20 7.93
N SER A 5 18.82 12.24 9.15
CA SER A 5 19.23 11.22 10.15
C SER A 5 18.39 10.07 9.74
N LYS A 6 18.87 8.87 10.01
CA LYS A 6 18.07 7.65 9.89
C LYS A 6 16.86 7.64 10.86
N ALA A 7 15.72 7.30 10.35
CA ALA A 7 14.52 7.06 11.15
C ALA A 7 14.64 5.72 11.88
N ASN A 8 14.07 5.62 13.09
CA ASN A 8 13.98 4.37 13.81
C ASN A 8 12.91 3.52 13.18
N VAL A 9 13.35 2.45 12.52
CA VAL A 9 12.46 1.51 11.87
C VAL A 9 12.87 0.13 12.31
N PRO A 10 12.25 -0.37 13.38
CA PRO A 10 12.65 -1.69 13.91
C PRO A 10 12.28 -2.79 12.98
N LYS A 11 12.96 -3.90 13.04
CA LYS A 11 12.69 -5.13 12.33
C LYS A 11 11.99 -6.05 13.30
N ILE A 12 10.76 -6.41 13.01
CA ILE A 12 9.89 -7.23 13.89
C ILE A 12 9.65 -8.55 13.20
N ASP A 13 10.09 -9.61 13.90
CA ASP A 13 9.82 -11.00 13.47
C ASP A 13 8.31 -11.26 13.69
N VAL A 14 7.56 -11.27 12.61
CA VAL A 14 6.11 -11.45 12.65
C VAL A 14 5.67 -12.92 12.58
N SER A 15 6.57 -13.84 12.51
CA SER A 15 6.21 -15.25 12.33
C SER A 15 5.24 -15.74 13.41
N PRO A 16 5.32 -15.34 14.69
CA PRO A 16 4.32 -15.85 15.64
C PRO A 16 2.90 -15.54 15.26
N LEU A 17 2.67 -14.49 14.49
CA LEU A 17 1.32 -14.14 14.09
C LEU A 17 0.64 -15.12 13.17
N PHE A 18 1.40 -16.06 12.60
CA PHE A 18 0.85 -17.15 11.81
C PHE A 18 0.45 -18.36 12.61
N GLY A 19 0.84 -18.40 13.88
CA GLY A 19 0.67 -19.61 14.71
C GLY A 19 -0.28 -19.45 15.87
N ASP A 20 -0.11 -20.31 16.87
CA ASP A 20 -1.11 -20.47 17.94
C ASP A 20 -0.48 -20.26 19.31
N ASP A 21 0.68 -19.62 19.40
CA ASP A 21 1.30 -19.35 20.69
C ASP A 21 0.85 -17.91 21.04
N GLN A 22 -0.16 -17.82 21.89
CA GLN A 22 -0.78 -16.53 22.23
C GLN A 22 0.15 -15.58 22.98
N ALA A 23 0.94 -16.11 23.88
CA ALA A 23 1.94 -15.33 24.56
C ALA A 23 2.95 -14.72 23.58
N ALA A 24 3.41 -15.52 22.65
CA ALA A 24 4.35 -15.01 21.68
C ALA A 24 3.73 -13.93 20.81
N LYS A 25 2.50 -14.14 20.42
CA LYS A 25 1.78 -13.11 19.67
C LYS A 25 1.65 -11.82 20.43
N MET A 26 1.41 -11.87 21.73
CA MET A 26 1.33 -10.63 22.51
C MET A 26 2.67 -9.91 22.50
N ARG A 27 3.77 -10.64 22.55
CA ARG A 27 5.08 -9.98 22.50
C ARG A 27 5.35 -9.33 21.15
N VAL A 28 4.84 -9.90 20.07
CA VAL A 28 4.90 -9.23 18.76
C VAL A 28 4.01 -8.00 18.76
N ALA A 29 2.80 -8.14 19.29
CA ALA A 29 1.89 -7.01 19.36
C ALA A 29 2.53 -5.84 20.13
N GLN A 30 3.28 -6.11 21.20
CA GLN A 30 3.88 -5.00 21.91
C GLN A 30 4.86 -4.25 20.99
N GLN A 31 5.62 -4.98 20.20
CA GLN A 31 6.58 -4.37 19.28
C GLN A 31 5.85 -3.54 18.22
N ILE A 32 4.73 -3.99 17.71
CA ILE A 32 3.91 -3.25 16.78
C ILE A 32 3.39 -1.99 17.44
N ASP A 33 2.92 -2.08 18.69
CA ASP A 33 2.45 -0.92 19.46
C ASP A 33 3.57 0.09 19.57
N ALA A 34 4.75 -0.32 19.96
CA ALA A 34 5.86 0.57 20.12
C ALA A 34 6.22 1.28 18.83
N ALA A 35 6.32 0.54 17.76
CA ALA A 35 6.63 1.15 16.47
C ALA A 35 5.57 2.10 15.99
N SER A 36 4.31 1.75 16.25
CA SER A 36 3.20 2.55 15.80
C SER A 36 3.12 3.86 16.54
N ARG A 37 3.59 3.87 17.79
CA ARG A 37 3.61 5.06 18.65
C ARG A 37 4.84 5.92 18.38
N ASP A 38 5.87 5.35 17.78
CA ASP A 38 7.18 6.06 17.57
C ASP A 38 7.11 6.67 16.12
N THR A 39 7.89 6.16 15.18
CA THR A 39 7.91 6.77 13.83
C THR A 39 6.74 6.29 13.01
N GLY A 40 6.11 5.20 13.42
CA GLY A 40 5.00 4.69 12.66
C GLY A 40 5.39 3.73 11.55
N PHE A 41 6.63 3.34 11.45
CA PHE A 41 7.09 2.36 10.50
C PHE A 41 7.80 1.24 11.20
N PHE A 42 7.70 0.04 10.64
CA PHE A 42 8.58 -1.08 10.99
C PHE A 42 8.73 -1.96 9.77
N TYR A 43 9.76 -2.76 9.80
CA TYR A 43 9.95 -3.87 8.81
C TYR A 43 9.44 -5.16 9.44
N ALA A 44 8.52 -5.81 8.75
CA ALA A 44 8.11 -7.17 9.03
C ALA A 44 9.13 -8.11 8.42
N VAL A 45 9.76 -8.93 9.24
CA VAL A 45 10.70 -9.95 8.79
C VAL A 45 10.15 -11.30 9.19
N ASN A 46 10.68 -12.37 8.61
CA ASN A 46 10.18 -13.71 8.78
C ASN A 46 8.73 -13.80 8.35
N HIS A 47 8.38 -13.14 7.26
CA HIS A 47 7.03 -12.99 6.79
C HIS A 47 6.59 -14.08 5.84
N GLY A 48 7.48 -14.94 5.41
CA GLY A 48 7.12 -16.10 4.60
C GLY A 48 6.90 -15.91 3.12
N ILE A 49 7.01 -14.69 2.60
CA ILE A 49 6.78 -14.45 1.20
C ILE A 49 8.10 -14.40 0.45
N ASN A 50 8.09 -15.02 -0.73
CA ASN A 50 9.29 -15.01 -1.58
C ASN A 50 9.34 -13.69 -2.35
N VAL A 51 9.95 -12.70 -1.76
CA VAL A 51 10.04 -11.38 -2.36
C VAL A 51 11.04 -11.33 -3.49
N GLN A 52 12.08 -12.14 -3.49
CA GLN A 52 12.97 -12.14 -4.63
C GLN A 52 12.26 -12.55 -5.89
N ARG A 53 11.42 -13.60 -5.76
CA ARG A 53 10.63 -14.06 -6.93
C ARG A 53 9.60 -13.04 -7.35
N LEU A 54 8.97 -12.35 -6.37
CA LEU A 54 8.07 -11.24 -6.71
C LEU A 54 8.81 -10.20 -7.53
N SER A 55 9.99 -9.83 -7.12
CA SER A 55 10.78 -8.84 -7.81
C SER A 55 11.14 -9.27 -9.21
N GLN A 56 11.54 -10.50 -9.36
CA GLN A 56 11.93 -11.02 -10.67
C GLN A 56 10.74 -11.08 -11.65
N LYS A 57 9.61 -11.57 -11.19
CA LYS A 57 8.44 -11.65 -12.04
C LYS A 57 7.97 -10.23 -12.42
N THR A 58 8.03 -9.30 -11.50
CA THR A 58 7.64 -7.94 -11.77
C THR A 58 8.58 -7.30 -12.77
N LYS A 59 9.86 -7.50 -12.59
CA LYS A 59 10.84 -6.97 -13.54
C LYS A 59 10.56 -7.51 -14.92
N GLU A 60 10.30 -8.81 -15.06
CA GLU A 60 10.05 -9.40 -16.38
C GLU A 60 8.83 -8.71 -17.02
N PHE A 61 7.83 -8.41 -16.24
CA PHE A 61 6.63 -7.72 -16.74
C PHE A 61 7.00 -6.30 -17.17
N HIS A 62 7.61 -5.52 -16.29
CA HIS A 62 7.86 -4.11 -16.59
C HIS A 62 8.76 -3.97 -17.78
N MET A 63 9.69 -4.88 -17.99
CA MET A 63 10.68 -4.67 -19.02
C MET A 63 10.21 -5.26 -20.32
N SER A 64 9.10 -6.01 -20.37
CA SER A 64 8.61 -6.56 -21.61
C SER A 64 7.33 -5.88 -22.11
N ILE A 65 6.55 -5.27 -21.25
CA ILE A 65 5.33 -4.58 -21.72
C ILE A 65 5.66 -3.49 -22.73
N THR A 66 4.87 -3.38 -23.76
CA THR A 66 5.15 -2.46 -24.89
C THR A 66 4.25 -1.25 -24.82
N PRO A 67 4.58 -0.18 -25.54
CA PRO A 67 3.71 0.98 -25.53
C PRO A 67 2.29 0.64 -26.02
N GLU A 68 2.17 -0.22 -27.05
CA GLU A 68 0.84 -0.68 -27.48
C GLU A 68 0.02 -1.27 -26.33
N GLU A 69 0.64 -2.19 -25.57
CA GLU A 69 -0.05 -2.84 -24.44
C GLU A 69 -0.43 -1.85 -23.37
N LYS A 70 0.37 -0.84 -23.12
CA LYS A 70 0.07 0.13 -22.09
C LYS A 70 -1.17 0.91 -22.46
N TRP A 71 -1.35 1.32 -23.71
CA TRP A 71 -2.61 1.99 -24.08
C TRP A 71 -3.78 1.05 -23.91
N ASP A 72 -3.59 -0.21 -24.34
CA ASP A 72 -4.67 -1.18 -24.30
C ASP A 72 -5.13 -1.50 -22.88
N LEU A 73 -4.24 -1.34 -21.92
CA LEU A 73 -4.52 -1.62 -20.46
C LEU A 73 -4.74 -0.35 -19.66
N ALA A 74 -4.70 0.82 -20.28
CA ALA A 74 -4.63 2.07 -19.55
C ALA A 74 -5.88 2.38 -18.79
N ILE A 75 -5.72 2.93 -17.58
CA ILE A 75 -6.83 3.51 -16.85
C ILE A 75 -7.42 4.73 -17.60
N ARG A 76 -8.58 5.09 -17.17
CA ARG A 76 -9.35 6.21 -17.74
C ARG A 76 -8.63 7.51 -17.81
N ALA A 77 -7.76 7.78 -16.83
CA ALA A 77 -7.01 9.03 -16.85
C ALA A 77 -6.10 9.13 -18.04
N TYR A 78 -5.70 8.03 -18.63
CA TYR A 78 -4.86 8.03 -19.82
C TYR A 78 -5.57 7.65 -21.10
N ASN A 79 -6.69 6.96 -21.03
CA ASN A 79 -7.42 6.44 -22.20
C ASN A 79 -8.93 6.61 -21.96
N LYS A 80 -9.50 7.57 -22.59
CA LYS A 80 -10.94 7.87 -22.39
C LYS A 80 -11.85 6.71 -22.81
N GLU A 81 -11.35 5.76 -23.57
CA GLU A 81 -12.21 4.62 -23.95
C GLU A 81 -12.47 3.70 -22.76
N HIS A 82 -11.74 3.82 -21.70
CA HIS A 82 -11.79 2.84 -20.61
C HIS A 82 -12.44 3.43 -19.38
N GLN A 83 -13.66 3.89 -19.57
CA GLN A 83 -14.40 4.57 -18.50
C GLN A 83 -14.63 3.77 -17.20
N ASP A 84 -14.61 2.44 -17.28
CA ASP A 84 -14.75 1.61 -16.06
C ASP A 84 -13.47 1.46 -15.30
N GLN A 85 -12.33 1.81 -15.90
CA GLN A 85 -11.02 1.59 -15.26
C GLN A 85 -10.57 2.82 -14.51
N VAL A 86 -11.09 3.05 -13.34
CA VAL A 86 -10.67 4.14 -12.48
C VAL A 86 -9.40 3.77 -11.75
N ARG A 87 -9.37 2.57 -11.19
CA ARG A 87 -8.30 2.03 -10.32
C ARG A 87 -7.41 1.04 -11.04
N ALA A 88 -7.96 0.05 -11.74
CA ALA A 88 -7.23 -1.10 -12.20
C ALA A 88 -6.74 -0.89 -13.59
N GLY A 89 -5.47 -1.15 -13.84
CA GLY A 89 -4.88 -1.07 -15.16
C GLY A 89 -3.56 -0.36 -15.13
N TYR A 90 -3.13 0.10 -16.31
CA TYR A 90 -1.81 0.68 -16.49
C TYR A 90 -1.86 2.19 -16.32
N TYR A 91 -0.86 2.73 -15.66
CA TYR A 91 -0.68 4.13 -15.34
C TYR A 91 0.59 4.56 -16.10
N LEU A 92 0.41 5.30 -17.22
CA LEU A 92 1.55 5.51 -18.14
C LEU A 92 2.50 6.59 -17.63
N SER A 93 3.78 6.45 -17.96
CA SER A 93 4.75 7.51 -17.88
C SER A 93 4.53 8.49 -19.02
N ILE A 94 5.18 9.61 -18.92
CA ILE A 94 5.13 10.66 -19.92
C ILE A 94 6.55 11.12 -20.11
N PRO A 95 7.31 10.52 -21.02
CA PRO A 95 8.72 10.89 -21.15
C PRO A 95 8.89 12.41 -21.25
N GLY A 96 9.89 12.93 -20.55
CA GLY A 96 10.17 14.33 -20.46
C GLY A 96 9.42 15.04 -19.35
N LYS A 97 8.41 14.40 -18.77
CA LYS A 97 7.46 15.01 -17.81
C LYS A 97 7.19 14.22 -16.54
N LYS A 98 7.05 12.92 -16.69
CA LYS A 98 6.61 12.05 -15.61
C LYS A 98 7.32 10.75 -15.79
N ALA A 99 8.10 10.40 -14.78
CA ALA A 99 8.95 9.25 -14.90
C ALA A 99 8.27 7.96 -14.50
N VAL A 100 7.51 7.96 -13.43
CA VAL A 100 6.98 6.74 -12.86
C VAL A 100 5.88 6.21 -13.74
N GLU A 101 5.79 4.89 -13.78
CA GLU A 101 4.68 4.17 -14.42
C GLU A 101 4.33 2.96 -13.57
N SER A 102 3.13 2.42 -13.72
CA SER A 102 2.73 1.34 -12.84
C SER A 102 1.53 0.54 -13.37
N PHE A 103 1.28 -0.61 -12.76
CA PHE A 103 0.13 -1.47 -13.05
C PHE A 103 -0.57 -1.78 -11.74
N CYS A 104 -1.82 -1.48 -11.63
CA CYS A 104 -2.62 -1.77 -10.42
C CYS A 104 -3.66 -2.85 -10.72
N TYR A 105 -3.80 -3.73 -9.76
CA TYR A 105 -4.88 -4.73 -9.79
C TYR A 105 -5.51 -4.85 -8.41
N LEU A 106 -6.74 -5.31 -8.44
CA LEU A 106 -7.66 -5.45 -7.29
C LEU A 106 -7.89 -6.92 -7.03
N ASN A 107 -8.83 -7.14 -6.09
CA ASN A 107 -9.25 -8.50 -5.69
C ASN A 107 -9.54 -9.36 -6.95
N PRO A 108 -8.89 -10.49 -7.12
CA PRO A 108 -9.21 -11.38 -8.26
C PRO A 108 -10.62 -11.93 -8.21
N ASN A 109 -11.28 -11.89 -7.06
CA ASN A 109 -12.65 -12.32 -6.91
C ASN A 109 -13.66 -11.33 -7.48
N PHE A 110 -13.22 -10.12 -7.85
CA PHE A 110 -14.12 -9.20 -8.52
C PHE A 110 -14.20 -9.60 -9.98
N THR A 111 -15.11 -10.53 -10.23
CA THR A 111 -15.34 -11.13 -11.52
C THR A 111 -16.62 -10.52 -12.09
N PRO A 112 -16.95 -10.78 -13.35
CA PRO A 112 -18.15 -10.19 -13.93
C PRO A 112 -19.42 -10.51 -13.15
N ASP A 113 -19.52 -11.67 -12.53
CA ASP A 113 -20.69 -12.13 -11.82
C ASP A 113 -20.69 -11.71 -10.33
N HIS A 114 -19.66 -11.03 -9.85
CA HIS A 114 -19.61 -10.63 -8.44
C HIS A 114 -20.73 -9.66 -8.17
N PRO A 115 -21.41 -9.82 -7.04
CA PRO A 115 -22.57 -8.93 -6.80
C PRO A 115 -22.27 -7.41 -6.82
N ARG A 116 -21.09 -7.02 -6.37
CA ARG A 116 -20.72 -5.61 -6.38
C ARG A 116 -20.37 -5.13 -7.77
N ILE A 117 -19.85 -6.00 -8.64
CA ILE A 117 -19.62 -5.67 -10.02
C ILE A 117 -20.98 -5.54 -10.71
N GLN A 118 -21.88 -6.47 -10.47
CA GLN A 118 -23.23 -6.35 -11.04
C GLN A 118 -23.89 -5.05 -10.59
N ALA A 119 -23.78 -4.72 -9.30
CA ALA A 119 -24.41 -3.51 -8.80
C ALA A 119 -23.68 -2.22 -9.27
N LYS A 120 -22.49 -2.31 -9.82
CA LYS A 120 -21.68 -1.16 -10.28
C LYS A 120 -21.29 -0.28 -9.09
N THR A 121 -21.07 -0.87 -7.90
CA THR A 121 -20.70 -0.10 -6.70
C THR A 121 -19.33 0.52 -6.96
N PRO A 122 -19.21 1.79 -6.65
CA PRO A 122 -17.89 2.45 -6.78
C PRO A 122 -16.76 1.69 -6.11
N THR A 123 -15.55 1.83 -6.65
CA THR A 123 -14.28 1.30 -6.17
C THR A 123 -14.07 -0.20 -6.50
N HIS A 124 -15.12 -0.88 -7.00
CA HIS A 124 -15.01 -2.24 -7.49
C HIS A 124 -14.86 -2.30 -8.99
N GLU A 125 -13.90 -3.09 -9.45
CA GLU A 125 -13.68 -3.26 -10.90
C GLU A 125 -13.20 -4.63 -11.15
N VAL A 126 -13.38 -5.12 -12.39
CA VAL A 126 -12.79 -6.36 -12.89
C VAL A 126 -11.39 -6.05 -13.39
N ASN A 127 -10.38 -6.73 -12.87
CA ASN A 127 -9.02 -6.51 -13.35
C ASN A 127 -8.86 -6.71 -14.83
N VAL A 128 -7.92 -5.95 -15.39
CA VAL A 128 -7.47 -6.11 -16.79
C VAL A 128 -6.09 -6.66 -16.80
N TRP A 129 -5.80 -7.51 -17.76
CA TRP A 129 -4.52 -8.20 -17.86
C TRP A 129 -3.97 -8.20 -19.25
N PRO A 130 -2.66 -8.18 -19.40
CA PRO A 130 -2.07 -8.31 -20.75
C PRO A 130 -2.33 -9.67 -21.35
N ASP A 131 -2.12 -9.82 -22.63
CA ASP A 131 -2.29 -11.10 -23.30
C ASP A 131 -1.38 -12.17 -22.69
N GLU A 132 -1.96 -13.33 -22.41
CA GLU A 132 -1.17 -14.42 -21.81
C GLU A 132 0.01 -14.88 -22.61
N THR A 133 -0.12 -14.96 -23.93
CA THR A 133 1.00 -15.44 -24.74
C THR A 133 2.15 -14.42 -24.74
N LYS A 134 1.88 -13.14 -24.56
CA LYS A 134 2.95 -12.14 -24.50
C LYS A 134 3.58 -12.06 -23.12
N HIS A 135 2.83 -12.44 -22.09
CA HIS A 135 3.31 -12.38 -20.70
C HIS A 135 3.01 -13.69 -20.00
N PRO A 136 3.65 -14.78 -20.45
CA PRO A 136 3.23 -16.09 -19.92
C PRO A 136 3.41 -16.16 -18.44
N GLY A 137 2.39 -16.64 -17.75
CA GLY A 137 2.45 -16.86 -16.31
C GLY A 137 2.23 -15.64 -15.49
N PHE A 138 2.18 -14.42 -16.06
CA PHE A 138 2.15 -13.18 -15.28
C PHE A 138 0.84 -13.06 -14.48
N GLN A 139 -0.30 -13.24 -15.15
CA GLN A 139 -1.58 -13.13 -14.42
C GLN A 139 -1.64 -14.13 -13.28
N ASP A 140 -1.29 -15.35 -13.50
CA ASP A 140 -1.37 -16.39 -12.47
C ASP A 140 -0.45 -16.03 -11.33
N PHE A 141 0.77 -15.58 -11.63
CA PHE A 141 1.71 -15.18 -10.58
C PHE A 141 1.16 -14.04 -9.77
N ALA A 142 0.64 -13.03 -10.45
CA ALA A 142 0.16 -11.80 -9.82
C ALA A 142 -1.06 -12.10 -8.94
N GLU A 143 -2.00 -12.93 -9.38
CA GLU A 143 -3.15 -13.31 -8.57
C GLU A 143 -2.70 -14.09 -7.35
N GLN A 144 -1.73 -15.03 -7.52
CA GLN A 144 -1.26 -15.73 -6.34
C GLN A 144 -0.55 -14.80 -5.37
N TYR A 145 0.17 -13.82 -5.88
CA TYR A 145 0.84 -12.85 -5.03
C TYR A 145 -0.20 -12.11 -4.22
N TYR A 146 -1.32 -11.74 -4.82
CA TYR A 146 -2.38 -11.10 -4.06
C TYR A 146 -2.75 -11.92 -2.86
N TRP A 147 -2.94 -13.21 -3.06
CA TRP A 147 -3.32 -14.05 -1.93
C TRP A 147 -2.20 -14.27 -0.91
N ASP A 148 -0.92 -14.31 -1.34
CA ASP A 148 0.20 -14.44 -0.41
C ASP A 148 0.28 -13.21 0.45
N VAL A 149 0.20 -12.01 -0.15
CA VAL A 149 0.28 -10.80 0.67
C VAL A 149 -1.01 -10.56 1.47
N PHE A 150 -2.16 -10.99 0.94
CA PHE A 150 -3.38 -10.99 1.78
C PHE A 150 -3.12 -11.79 3.04
N GLY A 151 -2.54 -12.97 2.94
CA GLY A 151 -2.26 -13.79 4.10
C GLY A 151 -1.34 -13.15 5.14
N LEU A 152 -0.27 -12.54 4.65
CA LEU A 152 0.60 -11.80 5.53
C LEU A 152 -0.14 -10.66 6.19
N SER A 153 -0.96 -9.95 5.42
CA SER A 153 -1.69 -8.77 5.94
C SER A 153 -2.70 -9.22 6.99
N SER A 154 -3.33 -10.36 6.83
CA SER A 154 -4.26 -10.88 7.83
C SER A 154 -3.51 -11.10 9.13
N ALA A 155 -2.33 -11.69 9.08
CA ALA A 155 -1.50 -11.95 10.24
C ALA A 155 -1.12 -10.62 10.88
N LEU A 156 -0.68 -9.63 10.09
CA LEU A 156 -0.34 -8.33 10.65
C LEU A 156 -1.53 -7.70 11.36
N LEU A 157 -2.70 -7.80 10.75
CA LEU A 157 -3.92 -7.26 11.35
C LEU A 157 -4.23 -7.94 12.70
N LYS A 158 -3.93 -9.22 12.88
CA LYS A 158 -4.08 -9.85 14.17
C LYS A 158 -3.14 -9.16 15.19
N GLY A 159 -1.90 -8.86 14.77
CA GLY A 159 -0.98 -8.17 15.65
C GLY A 159 -1.44 -6.77 16.01
N TYR A 160 -1.90 -5.99 15.04
CA TYR A 160 -2.44 -4.65 15.37
C TYR A 160 -3.63 -4.73 16.33
N ALA A 161 -4.53 -5.69 16.13
CA ALA A 161 -5.67 -5.82 17.01
C ALA A 161 -5.21 -6.13 18.46
N LEU A 162 -4.33 -7.11 18.62
CA LEU A 162 -3.82 -7.40 19.93
C LEU A 162 -3.11 -6.21 20.57
N ALA A 163 -2.36 -5.49 19.75
CA ALA A 163 -1.61 -4.32 20.20
C ALA A 163 -2.54 -3.24 20.81
N LEU A 164 -3.75 -3.15 20.25
CA LEU A 164 -4.74 -2.17 20.67
C LEU A 164 -5.66 -2.65 21.77
N GLY A 165 -5.36 -3.81 22.33
CA GLY A 165 -6.13 -4.33 23.43
C GLY A 165 -7.42 -5.04 23.02
N LYS A 166 -7.50 -5.37 21.72
CA LYS A 166 -8.66 -6.06 21.16
C LYS A 166 -8.41 -7.54 20.96
N GLU A 167 -9.47 -8.30 20.66
CA GLU A 167 -9.33 -9.68 20.22
C GLU A 167 -8.69 -9.72 18.87
N GLU A 168 -7.98 -10.82 18.54
CA GLU A 168 -7.13 -10.79 17.35
C GLU A 168 -7.86 -10.66 16.05
N ASN A 169 -9.15 -11.01 16.01
CA ASN A 169 -9.90 -10.83 14.76
C ASN A 169 -10.57 -9.49 14.59
N PHE A 170 -10.27 -8.50 15.42
CA PHE A 170 -10.97 -7.23 15.40
C PHE A 170 -10.96 -6.54 14.07
N PHE A 171 -9.78 -6.54 13.43
CA PHE A 171 -9.71 -6.03 12.06
C PHE A 171 -9.91 -7.10 11.04
N ALA A 172 -9.32 -8.28 11.25
CA ALA A 172 -9.30 -9.32 10.24
C ALA A 172 -10.65 -9.82 9.87
N ARG A 173 -11.61 -9.77 10.77
CA ARG A 173 -12.95 -10.22 10.46
C ARG A 173 -13.59 -9.39 9.34
N HIS A 174 -13.12 -8.17 9.09
CA HIS A 174 -13.55 -7.27 8.03
C HIS A 174 -12.71 -7.35 6.78
N PHE A 175 -11.74 -8.24 6.76
CA PHE A 175 -10.74 -8.34 5.65
C PHE A 175 -10.89 -9.71 5.11
N LYS A 176 -11.73 -9.84 4.07
CA LYS A 176 -12.25 -11.11 3.60
C LYS A 176 -11.99 -11.30 2.12
N PRO A 177 -11.62 -12.49 1.71
CA PRO A 177 -11.35 -12.71 0.27
C PRO A 177 -12.48 -12.31 -0.64
N ASP A 178 -13.73 -12.50 -0.28
CA ASP A 178 -14.80 -12.28 -1.22
C ASP A 178 -15.01 -10.82 -1.46
N ASP A 179 -14.61 -9.93 -0.55
CA ASP A 179 -15.01 -8.51 -0.70
C ASP A 179 -13.93 -7.48 -0.49
N THR A 180 -12.69 -7.83 -0.11
CA THR A 180 -11.70 -6.81 0.18
C THR A 180 -11.48 -5.90 -1.01
N LEU A 181 -11.37 -4.61 -0.71
CA LEU A 181 -11.04 -3.55 -1.67
C LEU A 181 -9.52 -3.35 -1.78
N ALA A 182 -8.71 -4.24 -1.20
CA ALA A 182 -7.25 -4.12 -1.25
C ALA A 182 -6.74 -4.13 -2.67
N SER A 183 -5.61 -3.45 -2.89
CA SER A 183 -4.96 -3.37 -4.21
C SER A 183 -3.49 -3.64 -4.08
N VAL A 184 -2.97 -4.21 -5.18
CA VAL A 184 -1.55 -4.30 -5.45
C VAL A 184 -1.21 -3.25 -6.48
N VAL A 185 -0.09 -2.53 -6.32
CA VAL A 185 0.47 -1.67 -7.36
C VAL A 185 1.88 -2.11 -7.65
N LEU A 186 2.18 -2.41 -8.90
CA LEU A 186 3.52 -2.72 -9.38
C LEU A 186 4.14 -1.46 -10.01
N ILE A 187 4.88 -0.69 -9.23
CA ILE A 187 5.42 0.60 -9.65
C ILE A 187 6.84 0.45 -10.17
N ARG A 188 7.12 0.97 -11.36
CA ARG A 188 8.43 1.11 -11.92
C ARG A 188 8.88 2.54 -11.82
N TYR A 189 10.00 2.74 -11.14
CA TYR A 189 10.71 3.99 -11.14
C TYR A 189 11.94 3.82 -11.99
N PRO A 190 12.12 4.56 -13.08
CA PRO A 190 13.19 4.35 -14.02
C PRO A 190 14.49 5.07 -13.69
N TYR A 191 15.58 4.54 -14.23
CA TYR A 191 16.81 5.25 -14.40
C TYR A 191 16.66 6.04 -15.70
N LEU A 192 17.01 7.33 -15.74
CA LEU A 192 16.96 8.12 -16.95
C LEU A 192 18.17 9.02 -17.04
N ASP A 193 18.77 9.06 -18.22
CA ASP A 193 19.93 9.94 -18.45
C ASP A 193 19.72 10.68 -19.76
N PRO A 194 19.39 11.96 -19.76
CA PRO A 194 19.21 12.80 -18.57
C PRO A 194 17.86 12.59 -17.92
N TYR A 195 17.75 12.96 -16.65
CA TYR A 195 16.50 12.81 -15.89
C TYR A 195 15.81 14.17 -16.04
N PRO A 196 14.67 14.23 -16.68
CA PRO A 196 14.06 15.56 -16.90
C PRO A 196 13.61 16.22 -15.60
N GLU A 197 14.00 17.45 -15.44
CA GLU A 197 13.63 18.24 -14.25
C GLU A 197 12.15 18.36 -14.06
N ALA A 198 11.39 18.31 -15.17
CA ALA A 198 9.94 18.39 -15.04
C ALA A 198 9.36 17.21 -14.26
N ALA A 199 10.08 16.12 -14.18
CA ALA A 199 9.60 14.95 -13.43
C ALA A 199 10.08 14.87 -12.01
N ILE A 200 10.73 15.93 -11.52
CA ILE A 200 11.28 16.08 -10.18
C ILE A 200 10.53 17.20 -9.48
N LYS A 201 10.01 16.95 -8.31
CA LYS A 201 9.40 17.94 -7.46
C LYS A 201 10.42 18.35 -6.41
N THR A 202 10.23 19.51 -5.80
CA THR A 202 11.12 19.98 -4.72
C THR A 202 10.30 20.30 -3.48
N ALA A 203 10.70 19.70 -2.35
CA ALA A 203 10.07 19.98 -1.07
C ALA A 203 10.45 21.30 -0.52
N ALA A 204 9.68 21.76 0.47
CA ALA A 204 10.01 22.99 1.11
C ALA A 204 11.42 23.06 1.67
N ASP A 205 11.94 21.92 2.13
CA ASP A 205 13.26 21.87 2.69
C ASP A 205 14.33 21.69 1.61
N GLY A 206 13.96 21.77 0.34
CA GLY A 206 14.87 21.63 -0.77
C GLY A 206 15.12 20.21 -1.26
N THR A 207 14.51 19.22 -0.65
CA THR A 207 14.75 17.86 -1.01
C THR A 207 14.08 17.61 -2.35
N LYS A 208 14.77 16.97 -3.29
CA LYS A 208 14.17 16.51 -4.54
C LYS A 208 13.33 15.28 -4.34
N LEU A 209 12.10 15.29 -4.83
CA LEU A 209 11.09 14.25 -4.61
C LEU A 209 10.55 13.72 -5.93
N SER A 210 10.10 12.47 -5.86
CA SER A 210 9.24 11.88 -6.87
C SER A 210 7.77 11.93 -6.47
N PHE A 211 7.44 11.95 -5.17
CA PHE A 211 6.05 11.96 -4.69
C PHE A 211 6.03 12.68 -3.38
N GLU A 212 5.16 13.63 -3.28
CA GLU A 212 5.07 14.57 -2.12
C GLU A 212 4.51 13.90 -0.86
N TRP A 213 4.61 14.68 0.20
CA TRP A 213 4.14 14.28 1.51
C TRP A 213 2.68 13.86 1.44
N HIS A 214 2.35 12.84 2.23
CA HIS A 214 0.98 12.36 2.28
C HIS A 214 0.85 11.41 3.44
N GLU A 215 -0.39 11.18 3.85
CA GLU A 215 -0.79 10.03 4.67
C GLU A 215 -1.34 9.00 3.72
N ASP A 216 -1.12 7.73 3.99
CA ASP A 216 -1.69 6.69 3.13
C ASP A 216 -3.19 6.55 3.31
N VAL A 217 -3.82 6.22 2.18
CA VAL A 217 -5.23 5.81 2.14
C VAL A 217 -5.27 4.30 2.26
N SER A 218 -5.42 3.81 3.48
CA SER A 218 -5.40 2.40 3.80
C SER A 218 -5.75 2.24 5.26
N LEU A 219 -5.99 0.99 5.65
CA LEU A 219 -5.98 0.63 7.07
C LEU A 219 -4.48 0.49 7.47
N ILE A 220 -3.77 -0.40 6.79
CA ILE A 220 -2.31 -0.48 6.79
C ILE A 220 -1.82 -0.64 5.38
N THR A 221 -0.54 -0.35 5.18
CA THR A 221 0.17 -0.51 3.92
C THR A 221 1.30 -1.50 4.11
N VAL A 222 1.45 -2.46 3.17
CA VAL A 222 2.35 -3.59 3.28
C VAL A 222 3.21 -3.54 2.02
N LEU A 223 4.43 -3.03 2.12
CA LEU A 223 5.20 -2.55 0.99
C LEU A 223 6.53 -3.28 0.81
N TYR A 224 6.75 -3.79 -0.39
CA TYR A 224 8.09 -4.28 -0.81
C TYR A 224 8.71 -3.23 -1.68
N GLN A 225 9.98 -2.93 -1.48
CA GLN A 225 10.76 -2.07 -2.38
C GLN A 225 12.10 -2.66 -2.64
N SER A 226 12.66 -2.35 -3.80
CA SER A 226 14.09 -2.62 -4.08
C SER A 226 14.97 -2.02 -3.04
N ASN A 227 16.21 -2.47 -3.02
CA ASN A 227 17.20 -2.04 -2.07
C ASN A 227 17.88 -0.73 -2.52
N VAL A 228 17.07 0.31 -2.67
CA VAL A 228 17.54 1.66 -2.93
C VAL A 228 16.76 2.59 -2.04
N GLN A 229 17.47 3.29 -1.18
CA GLN A 229 16.86 4.12 -0.18
C GLN A 229 16.07 5.23 -0.89
N ASN A 230 14.87 5.49 -0.37
CA ASN A 230 14.03 6.51 -1.00
C ASN A 230 13.01 7.17 -0.09
N LEU A 231 12.44 6.46 0.85
CA LEU A 231 11.33 6.98 1.68
C LEU A 231 11.82 7.81 2.81
N GLN A 232 11.07 8.87 3.13
CA GLN A 232 11.34 9.66 4.34
C GLN A 232 10.07 9.82 5.13
N VAL A 233 10.22 9.86 6.47
CA VAL A 233 9.09 10.05 7.39
C VAL A 233 9.30 11.33 8.19
N GLU A 234 8.23 12.10 8.32
CA GLU A 234 8.27 13.32 9.09
C GLU A 234 8.18 12.89 10.57
N THR A 235 9.16 13.41 11.33
CA THR A 235 9.21 13.23 12.76
C THR A 235 9.41 14.61 13.29
N ALA A 236 9.43 14.70 14.63
CA ALA A 236 9.65 15.97 15.39
C ALA A 236 11.05 16.64 15.21
N ALA A 237 12.13 15.82 15.05
CA ALA A 237 13.40 16.43 14.63
C ALA A 237 13.61 16.53 13.11
N GLY A 238 12.46 16.46 12.29
CA GLY A 238 12.49 16.66 10.84
C GLY A 238 12.17 15.39 10.03
N TYR A 239 12.25 15.50 8.70
CA TYR A 239 12.19 14.33 7.87
C TYR A 239 13.44 13.52 8.08
N GLN A 240 13.21 12.21 8.22
CA GLN A 240 14.27 11.22 8.43
C GLN A 240 14.22 10.14 7.37
N ASP A 241 15.35 9.63 6.97
CA ASP A 241 15.44 8.57 5.97
C ASP A 241 15.06 7.20 6.53
N ILE A 242 14.11 6.54 5.88
CA ILE A 242 13.80 5.17 6.14
C ILE A 242 14.74 4.28 5.37
N GLU A 243 15.53 3.48 6.04
CA GLU A 243 16.47 2.58 5.37
C GLU A 243 15.70 1.61 4.49
N ALA A 244 16.28 1.27 3.36
CA ALA A 244 15.74 0.19 2.53
C ALA A 244 16.08 -1.15 3.14
N ASP A 245 15.25 -2.13 2.86
CA ASP A 245 15.50 -3.52 3.22
C ASP A 245 14.61 -4.33 2.22
N ASP A 246 15.24 -4.80 1.20
CA ASP A 246 14.55 -5.58 0.17
C ASP A 246 14.30 -7.05 0.57
N THR A 247 14.61 -7.43 1.83
CA THR A 247 14.19 -8.72 2.35
C THR A 247 12.93 -8.65 3.17
N GLY A 248 12.56 -7.47 3.65
CA GLY A 248 11.42 -7.25 4.55
C GLY A 248 10.29 -6.55 3.85
N TYR A 249 9.17 -6.48 4.53
CA TYR A 249 8.06 -5.62 4.14
C TYR A 249 7.99 -4.44 5.06
N LEU A 250 7.94 -3.24 4.51
CA LEU A 250 7.79 -2.03 5.26
C LEU A 250 6.32 -1.85 5.55
N ILE A 251 5.97 -1.69 6.85
CA ILE A 251 4.57 -1.58 7.30
C ILE A 251 4.34 -0.24 7.92
N ASN A 252 3.18 0.38 7.62
CA ASN A 252 2.76 1.58 8.32
C ASN A 252 1.25 1.60 8.32
N CYS A 253 0.68 2.40 9.20
CA CYS A 253 -0.78 2.66 9.23
C CYS A 253 -1.17 3.70 8.22
N GLY A 254 -2.40 3.56 7.72
CA GLY A 254 -3.03 4.60 6.91
C GLY A 254 -4.08 5.35 7.72
N SER A 255 -4.72 6.30 7.09
CA SER A 255 -5.57 7.22 7.83
C SER A 255 -6.84 6.55 8.33
N TYR A 256 -7.26 5.40 7.83
CA TYR A 256 -8.42 4.71 8.46
C TYR A 256 -8.03 4.21 9.86
N MET A 257 -6.81 3.71 9.99
CA MET A 257 -6.34 3.31 11.32
C MET A 257 -6.28 4.48 12.29
N ALA A 258 -5.84 5.64 11.83
CA ALA A 258 -5.81 6.84 12.65
C ALA A 258 -7.23 7.20 13.06
N HIS A 259 -8.20 7.07 12.13
CA HIS A 259 -9.58 7.39 12.45
C HIS A 259 -10.13 6.46 13.54
N LEU A 260 -9.93 5.16 13.37
CA LEU A 260 -10.47 4.15 14.32
C LEU A 260 -9.87 4.27 15.69
N THR A 261 -8.61 4.69 15.78
CA THR A 261 -7.87 4.72 17.04
C THR A 261 -7.80 6.12 17.66
N ASN A 262 -8.57 7.04 17.09
CA ASN A 262 -8.55 8.43 17.53
C ASN A 262 -7.14 8.99 17.59
N ASN A 263 -6.40 8.67 16.54
CA ASN A 263 -5.04 9.17 16.30
C ASN A 263 -4.02 8.63 17.28
N TYR A 264 -4.38 7.54 18.05
CA TYR A 264 -3.38 6.87 18.90
C TYR A 264 -2.30 6.22 18.03
N TYR A 265 -2.72 5.53 16.96
CA TYR A 265 -1.82 5.14 15.87
C TYR A 265 -2.06 6.11 14.76
N LYS A 266 -1.14 7.06 14.61
CA LYS A 266 -1.20 8.05 13.60
C LYS A 266 -0.89 7.44 12.24
N ALA A 267 -1.40 8.01 11.17
CA ALA A 267 -0.93 7.70 9.83
C ALA A 267 0.32 8.51 9.56
N PRO A 268 1.51 7.93 9.58
CA PRO A 268 2.70 8.78 9.48
C PRO A 268 2.73 9.52 8.15
N ILE A 269 3.21 10.74 8.16
CA ILE A 269 3.44 11.55 7.00
C ILE A 269 4.74 11.17 6.39
N HIS A 270 4.73 10.88 5.09
CA HIS A 270 5.95 10.39 4.43
C HIS A 270 5.93 10.81 3.00
N ARG A 271 7.09 10.71 2.35
CA ARG A 271 7.29 11.17 0.97
C ARG A 271 8.37 10.30 0.32
N VAL A 272 8.45 10.40 -1.00
CA VAL A 272 9.36 9.62 -1.80
C VAL A 272 10.41 10.52 -2.42
N LYS A 273 11.65 10.37 -2.00
CA LYS A 273 12.77 11.12 -2.58
C LYS A 273 12.92 10.74 -4.04
N TRP A 274 13.35 11.72 -4.86
CA TRP A 274 13.86 11.48 -6.21
C TRP A 274 15.20 10.78 -6.11
N VAL A 275 15.30 9.67 -6.80
CA VAL A 275 16.57 8.95 -6.96
C VAL A 275 16.65 8.53 -8.38
N ASN A 276 17.79 8.76 -9.01
CA ASN A 276 17.97 8.36 -10.41
C ASN A 276 18.45 6.90 -10.47
N ALA A 277 17.53 5.96 -10.33
CA ALA A 277 17.83 4.53 -10.22
C ALA A 277 16.62 3.78 -10.74
N GLU A 278 16.90 2.67 -11.39
CA GLU A 278 15.89 1.73 -11.86
C GLU A 278 15.47 0.91 -10.67
N ARG A 279 14.25 1.05 -10.20
CA ARG A 279 13.83 0.35 -9.02
C ARG A 279 12.36 0.05 -9.04
N GLN A 280 11.93 -0.69 -8.03
CA GLN A 280 10.56 -1.12 -7.87
C GLN A 280 9.99 -0.69 -6.55
N SER A 281 8.73 -0.37 -6.57
CA SER A 281 7.97 -0.10 -5.36
C SER A 281 6.63 -0.82 -5.52
N LEU A 282 6.34 -1.78 -4.64
CA LEU A 282 5.25 -2.71 -4.80
C LEU A 282 4.36 -2.70 -3.56
N PRO A 283 3.52 -1.70 -3.38
CA PRO A 283 2.62 -1.66 -2.22
C PRO A 283 1.42 -2.57 -2.38
N PHE A 284 0.99 -3.08 -1.24
CA PHE A 284 -0.33 -3.72 -1.02
C PHE A 284 -1.02 -2.79 -0.02
N PHE A 285 -2.15 -2.22 -0.46
CA PHE A 285 -2.98 -1.34 0.36
C PHE A 285 -4.05 -2.21 1.00
N VAL A 286 -3.94 -2.38 2.32
CA VAL A 286 -4.91 -3.20 3.06
C VAL A 286 -6.18 -2.39 3.30
N ASN A 287 -7.14 -2.66 2.46
CA ASN A 287 -8.49 -2.05 2.49
C ASN A 287 -9.50 -3.08 2.90
N LEU A 288 -10.53 -2.67 3.62
CA LEU A 288 -11.61 -3.54 4.08
C LEU A 288 -12.65 -3.68 2.99
N GLY A 289 -13.84 -4.13 3.34
CA GLY A 289 -14.98 -4.22 2.41
C GLY A 289 -15.71 -2.93 2.31
N TYR A 290 -16.54 -2.78 1.29
CA TYR A 290 -17.19 -1.51 1.04
C TYR A 290 -18.05 -1.04 2.20
N ASP A 291 -18.75 -1.96 2.81
CA ASP A 291 -19.66 -1.67 3.92
C ASP A 291 -19.05 -1.95 5.30
N SER A 292 -17.77 -2.26 5.38
CA SER A 292 -17.13 -2.51 6.67
C SER A 292 -17.12 -1.20 7.47
N VAL A 293 -17.57 -1.29 8.71
CA VAL A 293 -17.56 -0.17 9.66
C VAL A 293 -17.01 -0.73 10.95
N ILE A 294 -15.94 -0.12 11.35
CA ILE A 294 -15.45 -0.40 12.71
C ILE A 294 -15.77 0.77 13.63
N ASP A 295 -16.26 0.51 14.82
CA ASP A 295 -16.62 1.56 15.69
C ASP A 295 -15.35 2.19 16.26
N PRO A 296 -15.21 3.49 16.10
CA PRO A 296 -13.99 4.14 16.61
C PRO A 296 -13.82 4.03 18.09
N PHE A 297 -12.61 4.03 18.61
CA PHE A 297 -12.33 3.93 20.02
C PHE A 297 -11.04 4.66 20.32
N ASP A 298 -10.72 4.82 21.62
CA ASP A 298 -9.53 5.55 22.05
C ASP A 298 -8.81 4.76 23.16
N PRO A 299 -7.72 4.06 22.86
CA PRO A 299 -6.89 3.30 23.85
C PRO A 299 -6.01 4.04 24.89
N ARG A 300 -6.08 5.38 24.83
CA ARG A 300 -5.57 6.26 25.85
C ARG A 300 -6.63 6.66 26.84
N GLU A 301 -7.91 6.39 26.61
CA GLU A 301 -8.96 6.82 27.55
C GLU A 301 -9.54 5.64 28.32
N PRO A 302 -9.79 5.78 29.63
CA PRO A 302 -10.30 4.66 30.44
C PRO A 302 -11.50 3.82 29.88
N ASN A 303 -12.56 4.45 29.36
CA ASN A 303 -13.71 3.69 28.78
C ASN A 303 -13.59 3.38 27.27
N GLY A 304 -12.46 3.80 26.71
CA GLY A 304 -12.19 3.59 25.32
C GLY A 304 -13.06 4.42 24.43
N LYS A 305 -13.80 5.42 24.95
CA LYS A 305 -14.78 6.11 24.07
C LYS A 305 -14.10 7.12 23.16
N SER A 306 -14.65 7.28 21.96
CA SER A 306 -14.08 8.27 21.04
C SER A 306 -15.14 9.21 20.52
N ASP A 307 -14.71 10.42 20.26
CA ASP A 307 -15.60 11.49 19.77
C ASP A 307 -15.57 11.57 18.24
N ARG A 308 -15.14 10.49 17.60
CA ARG A 308 -15.22 10.32 16.16
C ARG A 308 -16.44 9.50 15.80
N GLU A 309 -16.99 9.75 14.61
CA GLU A 309 -18.15 9.01 14.11
C GLU A 309 -17.74 7.84 13.26
N PRO A 310 -18.49 6.76 13.31
CA PRO A 310 -18.24 5.65 12.40
C PRO A 310 -18.27 6.04 10.93
N LEU A 311 -17.35 5.51 10.16
CA LEU A 311 -17.16 5.80 8.74
C LEU A 311 -17.05 4.49 8.02
N SER A 312 -17.88 4.23 7.04
CA SER A 312 -17.75 3.00 6.28
C SER A 312 -16.48 3.05 5.47
N TYR A 313 -15.90 1.88 5.21
CA TYR A 313 -14.61 1.83 4.51
C TYR A 313 -14.76 2.29 3.06
N GLY A 314 -15.84 1.93 2.41
CA GLY A 314 -16.05 2.36 1.04
C GLY A 314 -16.11 3.87 0.90
N ASP A 315 -16.80 4.54 1.84
CA ASP A 315 -16.89 6.01 1.84
C ASP A 315 -15.47 6.57 1.99
N TYR A 316 -14.80 6.06 3.00
CA TYR A 316 -13.41 6.47 3.26
C TYR A 316 -12.53 6.33 1.99
N LEU A 317 -12.59 5.17 1.37
CA LEU A 317 -11.65 4.85 0.29
C LEU A 317 -11.95 5.73 -0.92
N GLN A 318 -13.19 5.79 -1.37
CA GLN A 318 -13.45 6.60 -2.58
C GLN A 318 -13.05 8.06 -2.33
N ASN A 319 -13.37 8.62 -1.17
CA ASN A 319 -13.02 10.00 -0.88
C ASN A 319 -11.50 10.15 -0.83
N GLY A 320 -10.83 9.20 -0.20
CA GLY A 320 -9.39 9.30 -0.02
C GLY A 320 -8.58 9.19 -1.29
N LEU A 321 -8.94 8.27 -2.13
CA LEU A 321 -8.17 8.09 -3.37
C LEU A 321 -8.31 9.31 -4.27
N VAL A 322 -9.53 9.85 -4.38
CA VAL A 322 -9.77 11.05 -5.16
C VAL A 322 -9.00 12.24 -4.57
N SER A 323 -9.04 12.39 -3.26
CA SER A 323 -8.34 13.49 -2.62
C SER A 323 -6.80 13.39 -2.85
N LEU A 324 -6.27 12.18 -2.75
CA LEU A 324 -4.83 12.01 -2.94
C LEU A 324 -4.42 12.37 -4.35
N ILE A 325 -5.24 12.03 -5.34
CA ILE A 325 -4.94 12.44 -6.74
C ILE A 325 -5.00 13.96 -6.84
N ASN A 326 -5.98 14.63 -6.25
CA ASN A 326 -6.01 16.07 -6.31
C ASN A 326 -4.83 16.70 -5.62
N LYS A 327 -4.40 16.19 -4.49
CA LYS A 327 -3.28 16.78 -3.73
C LYS A 327 -1.91 16.56 -4.37
N ASN A 328 -1.64 15.31 -4.77
CA ASN A 328 -0.28 14.88 -5.14
C ASN A 328 -0.16 14.46 -6.58
N GLY A 329 -1.24 14.58 -7.35
CA GLY A 329 -1.20 14.41 -8.80
C GLY A 329 -1.58 13.01 -9.22
N GLN A 330 -2.08 12.89 -10.44
CA GLN A 330 -2.35 11.58 -11.01
C GLN A 330 -1.00 10.83 -11.21
N THR A 331 -0.94 9.62 -10.67
CA THR A 331 0.23 8.77 -10.86
C THR A 331 0.20 7.92 -12.11
#